data_5O00
#
_entry.id   5O00
#
_cell.length_a   73.466
_cell.length_b   73.466
_cell.length_c   94.945
_cell.angle_alpha   90.00
_cell.angle_beta   90.00
_cell.angle_gamma   120.00
#
_symmetry.space_group_name_H-M   'P 31 2 1'
#
loop_
_entity.id
_entity.type
_entity.pdbx_description
1 polymer 'Glutathione transferase Ure2p5'
2 non-polymer 'OXIDIZED GLUTATHIONE DISULFIDE'
3 non-polymer DINITROPHENYLENE
4 non-polymer 'SULFATE ION'
5 non-polymer GLYCEROL
6 water water
#
_entity_poly.entity_id   1
_entity_poly.type   'polypeptide(L)'
_entity_poly.pdbx_seq_one_letter_code
;MSHGKQFTLFNHQVGPNGWKVDMLLRELGLSFETVYVNLGQREHKSPSFTKYNPNGRIPALIDHYYNDFVVWESDAILLY
IVEKYDPEHKFSVSTFDDKIIMTQWLFFQASGQGPYFGQAGWFLAVAPPEERNPTIAERYQKEILRVFGVLESVLSQRQW
LVADKLTIADISFVIWNATAVNLLVKGYKGFDFEKDFPSVHRWHTALITRPAIAESLKTKAEAIAQMNR
;
_entity_poly.pdbx_strand_id   A
#
# COMPACT_ATOMS: atom_id res chain seq x y z
N SER A 2 26.78 -14.90 3.44
CA SER A 2 27.31 -13.55 3.34
C SER A 2 27.12 -12.82 4.67
N HIS A 3 26.45 -11.66 4.65
CA HIS A 3 26.12 -10.93 5.87
C HIS A 3 24.61 -10.73 5.94
N GLY A 4 24.08 -10.74 7.16
CA GLY A 4 22.64 -10.59 7.34
C GLY A 4 22.17 -9.22 6.91
N LYS A 5 21.13 -9.19 6.08
CA LYS A 5 20.47 -7.94 5.71
C LYS A 5 19.76 -7.34 6.91
N GLN A 6 19.44 -6.05 6.80
CA GLN A 6 18.92 -5.35 7.97
C GLN A 6 17.52 -5.83 8.33
N PHE A 7 16.66 -6.00 7.33
CA PHE A 7 15.24 -6.26 7.55
C PHE A 7 14.81 -7.60 7.00
N THR A 8 13.85 -8.23 7.67
CA THR A 8 12.99 -9.26 7.08
C THR A 8 11.61 -8.66 6.92
N LEU A 9 11.11 -8.67 5.69
CA LEU A 9 9.74 -8.30 5.41
C LEU A 9 8.96 -9.57 5.17
N PHE A 10 8.04 -9.90 6.07
CA PHE A 10 7.07 -10.96 5.82
C PHE A 10 6.01 -10.38 4.89
N ASN A 11 5.90 -10.93 3.69
CA ASN A 11 5.13 -10.37 2.60
C ASN A 11 4.26 -11.47 2.00
N HIS A 12 3.51 -11.13 0.96
CA HIS A 12 2.72 -12.11 0.22
C HIS A 12 2.63 -11.66 -1.24
N GLN A 13 2.62 -12.64 -2.13
CA GLN A 13 2.67 -12.35 -3.57
C GLN A 13 1.41 -11.64 -4.03
N VAL A 14 0.24 -12.07 -3.56
CA VAL A 14 -1.04 -11.56 -4.05
C VAL A 14 -1.52 -10.40 -3.20
N GLY A 15 -1.50 -10.56 -1.88
CA GLY A 15 -2.00 -9.56 -0.97
C GLY A 15 -1.31 -8.22 -1.19
N PRO A 16 -2.08 -7.12 -1.24
CA PRO A 16 -1.44 -5.82 -1.51
C PRO A 16 -0.59 -5.29 -0.38
N ASN A 17 -0.97 -5.52 0.88
CA ASN A 17 -0.58 -4.58 1.93
C ASN A 17 0.93 -4.59 2.20
N GLY A 18 1.58 -5.74 2.10
CA GLY A 18 3.00 -5.77 2.31
C GLY A 18 3.78 -4.94 1.31
N TRP A 19 3.19 -4.67 0.15
CA TRP A 19 3.95 -4.02 -0.91
C TRP A 19 4.09 -2.52 -0.68
N LYS A 20 3.26 -1.93 0.17
CA LYS A 20 3.54 -0.59 0.68
C LYS A 20 4.94 -0.53 1.27
N VAL A 21 5.26 -1.52 2.11
CA VAL A 21 6.55 -1.53 2.79
C VAL A 21 7.67 -1.81 1.80
N ASP A 22 7.45 -2.76 0.90
CA ASP A 22 8.42 -3.02 -0.16
C ASP A 22 8.75 -1.75 -0.92
N MET A 23 7.73 -0.96 -1.27
CA MET A 23 7.97 0.29 -1.98
C MET A 23 8.87 1.22 -1.17
N LEU A 24 8.56 1.42 0.10
CA LEU A 24 9.34 2.35 0.92
C LEU A 24 10.78 1.86 1.07
N LEU A 25 10.99 0.57 1.32
CA LEU A 25 12.34 0.06 1.49
C LEU A 25 13.18 0.28 0.24
N ARG A 26 12.59 0.05 -0.95
CA ARG A 26 13.32 0.32 -2.18
C ARG A 26 13.57 1.82 -2.36
N GLU A 27 12.58 2.65 -2.04
CA GLU A 27 12.75 4.09 -2.18
C GLU A 27 13.91 4.61 -1.34
N LEU A 28 14.08 4.05 -0.15
CA LEU A 28 15.15 4.48 0.75
C LEU A 28 16.45 3.72 0.54
N GLY A 29 16.46 2.71 -0.33
CA GLY A 29 17.66 1.95 -0.59
C GLY A 29 18.10 1.05 0.56
N LEU A 30 17.15 0.56 1.36
CA LEU A 30 17.47 -0.25 2.53
C LEU A 30 17.59 -1.72 2.15
N SER A 31 18.34 -2.48 2.96
CA SER A 31 18.58 -3.88 2.67
C SER A 31 17.58 -4.74 3.41
N PHE A 32 16.89 -5.61 2.66
CA PHE A 32 15.89 -6.47 3.26
C PHE A 32 15.78 -7.78 2.49
N GLU A 33 15.48 -8.85 3.23
CA GLU A 33 15.01 -10.08 2.65
C GLU A 33 13.50 -10.11 2.73
N THR A 34 12.88 -10.75 1.75
CA THR A 34 11.44 -10.95 1.71
C THR A 34 11.16 -12.41 2.02
N VAL A 35 10.30 -12.65 2.99
CA VAL A 35 9.77 -13.98 3.28
C VAL A 35 8.31 -13.94 2.89
N TYR A 36 7.95 -14.69 1.85
CA TYR A 36 6.55 -14.82 1.47
C TYR A 36 5.90 -15.86 2.37
N VAL A 37 4.92 -15.42 3.15
CA VAL A 37 4.26 -16.27 4.13
C VAL A 37 3.06 -16.96 3.48
N ASN A 38 2.93 -18.25 3.75
CA ASN A 38 1.80 -19.02 3.23
C ASN A 38 0.53 -18.61 3.94
N LEU A 39 -0.41 -18.02 3.20
CA LEU A 39 -1.68 -17.57 3.78
C LEU A 39 -2.79 -18.55 3.43
N SER A 48 5.08 -20.29 14.86
CA SER A 48 5.48 -18.95 14.44
C SER A 48 4.29 -18.18 13.85
N PHE A 49 4.41 -17.74 12.61
CA PHE A 49 4.09 -16.37 12.27
C PHE A 49 3.35 -15.57 13.35
N THR A 50 2.37 -16.17 14.03
CA THR A 50 1.72 -15.43 15.11
C THR A 50 2.73 -14.98 16.15
N LYS A 51 3.92 -15.60 16.21
CA LYS A 51 4.96 -15.12 17.11
C LYS A 51 5.42 -13.72 16.71
N TYR A 52 5.36 -13.39 15.42
CA TYR A 52 5.74 -12.06 14.96
C TYR A 52 4.56 -11.09 14.93
N ASN A 53 3.34 -11.59 14.74
CA ASN A 53 2.16 -10.73 14.77
C ASN A 53 0.99 -11.50 15.37
N PRO A 54 0.52 -11.13 16.56
CA PRO A 54 -0.63 -11.87 17.12
C PRO A 54 -1.84 -11.86 16.22
N ASN A 55 -2.01 -10.81 15.40
CA ASN A 55 -3.13 -10.73 14.48
C ASN A 55 -3.03 -11.77 13.38
N GLY A 56 -1.85 -12.33 13.15
CA GLY A 56 -1.67 -13.36 12.14
C GLY A 56 -1.87 -12.87 10.72
N ARG A 57 -1.42 -11.65 10.43
CA ARG A 57 -1.55 -11.07 9.11
C ARG A 57 -0.22 -10.48 8.67
N ILE A 58 0.04 -10.50 7.37
CA ILE A 58 1.21 -9.82 6.82
C ILE A 58 0.77 -8.41 6.47
N PRO A 59 1.68 -7.42 6.43
CA PRO A 59 3.11 -7.59 6.66
C PRO A 59 3.51 -7.52 8.13
N ALA A 60 4.74 -7.98 8.37
CA ALA A 60 5.46 -7.72 9.60
C ALA A 60 6.91 -7.44 9.23
N LEU A 61 7.58 -6.61 10.02
CA LEU A 61 8.95 -6.22 9.76
C LEU A 61 9.81 -6.55 10.97
N ILE A 62 10.92 -7.25 10.73
CA ILE A 62 11.95 -7.47 11.75
C ILE A 62 13.14 -6.59 11.41
N ASP A 63 13.59 -5.79 12.37
CA ASP A 63 14.77 -4.93 12.20
C ASP A 63 15.94 -5.61 12.91
N HIS A 64 16.74 -6.36 12.13
CA HIS A 64 17.85 -7.10 12.71
C HIS A 64 18.94 -6.19 13.25
N TYR A 65 19.04 -4.96 12.75
CA TYR A 65 20.02 -4.02 13.28
C TYR A 65 19.48 -3.22 14.46
N TYR A 66 18.29 -3.56 14.94
CA TYR A 66 17.72 -2.94 16.13
C TYR A 66 17.22 -4.03 17.08
N ASN A 67 18.08 -5.01 17.33
CA ASN A 67 17.81 -6.10 18.28
C ASN A 67 16.57 -6.91 17.88
N ASP A 68 16.34 -7.05 16.58
CA ASP A 68 15.21 -7.82 16.05
C ASP A 68 13.87 -7.22 16.50
N PHE A 69 13.82 -5.89 16.61
CA PHE A 69 12.56 -5.20 16.84
C PHE A 69 11.54 -5.58 15.77
N VAL A 70 10.31 -5.84 16.19
CA VAL A 70 9.24 -6.25 15.28
C VAL A 70 8.13 -5.20 15.28
N VAL A 71 7.67 -4.84 14.09
CA VAL A 71 6.50 -3.98 13.91
C VAL A 71 5.59 -4.64 12.88
N TRP A 72 4.29 -4.69 13.17
CA TRP A 72 3.28 -5.09 12.19
C TRP A 72 2.28 -3.95 12.02
N GLU A 73 1.29 -4.19 11.13
CA GLU A 73 0.45 -3.16 10.52
C GLU A 73 1.26 -2.35 9.51
N SER A 74 0.90 -2.49 8.23
CA SER A 74 1.71 -1.93 7.15
C SER A 74 1.99 -0.44 7.35
N ASP A 75 0.98 0.34 7.77
CA ASP A 75 1.20 1.78 7.89
C ASP A 75 2.00 2.13 9.13
N ALA A 76 1.93 1.31 10.18
CA ALA A 76 2.82 1.50 11.32
C ALA A 76 4.25 1.16 10.95
N ILE A 77 4.44 0.15 10.10
CA ILE A 77 5.77 -0.17 9.58
C ILE A 77 6.33 1.02 8.80
N LEU A 78 5.51 1.63 7.94
CA LEU A 78 5.97 2.80 7.19
C LEU A 78 6.48 3.88 8.12
N LEU A 79 5.70 4.19 9.17
CA LEU A 79 6.11 5.22 10.12
C LEU A 79 7.40 4.84 10.83
N TYR A 80 7.52 3.59 11.26
CA TYR A 80 8.76 3.14 11.90
C TYR A 80 9.95 3.40 11.00
N ILE A 81 9.87 3.00 9.73
CA ILE A 81 10.99 3.13 8.81
C ILE A 81 11.40 4.59 8.65
N VAL A 82 10.43 5.49 8.41
CA VAL A 82 10.83 6.87 8.16
C VAL A 82 11.23 7.57 9.45
N GLU A 83 10.63 7.19 10.58
CA GLU A 83 11.02 7.81 11.83
C GLU A 83 12.43 7.43 12.24
N LYS A 84 12.88 6.23 11.90
CA LYS A 84 14.22 5.79 12.28
C LYS A 84 15.23 5.92 11.16
N TYR A 85 14.82 5.80 9.89
CA TYR A 85 15.78 5.66 8.79
C TYR A 85 15.53 6.63 7.65
N ASP A 86 14.89 7.77 7.91
CA ASP A 86 14.70 8.82 6.89
C ASP A 86 15.16 10.16 7.44
N PRO A 87 16.43 10.26 7.85
CA PRO A 87 16.88 11.49 8.52
C PRO A 87 16.83 12.73 7.65
N GLU A 88 16.91 12.60 6.33
CA GLU A 88 16.78 13.74 5.45
C GLU A 88 15.33 13.97 5.01
N HIS A 89 14.38 13.22 5.57
CA HIS A 89 12.96 13.42 5.27
C HIS A 89 12.68 13.40 3.77
N LYS A 90 13.23 12.39 3.10
CA LYS A 90 12.96 12.22 1.68
C LYS A 90 11.53 11.78 1.42
N PHE A 91 10.91 11.08 2.38
CA PHE A 91 9.54 10.58 2.23
C PHE A 91 8.75 10.77 3.52
N SER A 92 9.06 11.83 4.26
CA SER A 92 8.44 12.09 5.55
C SER A 92 8.63 13.57 5.85
N VAL A 93 8.21 13.99 7.05
CA VAL A 93 8.15 15.39 7.42
C VAL A 93 8.69 15.58 8.83
N SER A 94 9.08 16.81 9.14
CA SER A 94 9.75 17.13 10.39
C SER A 94 8.93 17.98 11.35
N THR A 95 8.07 18.89 10.88
CA THR A 95 7.30 19.71 11.80
C THR A 95 6.13 18.92 12.38
N PHE A 96 5.71 19.31 13.59
CA PHE A 96 4.59 18.64 14.24
C PHE A 96 3.33 18.69 13.38
N ASP A 97 2.96 19.87 12.90
CA ASP A 97 1.75 20.01 12.12
C ASP A 97 1.74 19.07 10.92
N ASP A 98 2.86 19.03 10.19
CA ASP A 98 2.93 18.14 9.03
C ASP A 98 2.88 16.67 9.47
N LYS A 99 3.56 16.34 10.57
CA LYS A 99 3.57 14.96 11.04
C LYS A 99 2.16 14.48 11.36
N ILE A 100 1.36 15.30 12.05
CA ILE A 100 0.04 14.82 12.45
C ILE A 100 -0.88 14.70 11.23
N ILE A 101 -0.75 15.61 10.26
CA ILE A 101 -1.57 15.49 9.05
C ILE A 101 -1.11 14.31 8.19
N MET A 102 0.20 14.02 8.17
CA MET A 102 0.65 12.82 7.49
C MET A 102 0.05 11.58 8.14
N THR A 103 -0.02 11.55 9.47
CA THR A 103 -0.62 10.43 10.17
C THR A 103 -2.11 10.35 9.90
N GLN A 104 -2.78 11.49 9.88
CA GLN A 104 -4.20 11.55 9.51
C GLN A 104 -4.46 10.82 8.19
N TRP A 105 -3.68 11.15 7.15
CA TRP A 105 -3.90 10.54 5.84
C TRP A 105 -3.55 9.05 5.85
N LEU A 106 -2.56 8.64 6.64
CA LEU A 106 -2.28 7.21 6.79
C LEU A 106 -3.45 6.49 7.44
N PHE A 107 -4.07 7.09 8.47
CA PHE A 107 -5.24 6.44 9.08
C PHE A 107 -6.41 6.38 8.11
N PHE A 108 -6.59 7.39 7.27
CA PHE A 108 -7.60 7.30 6.22
C PHE A 108 -7.30 6.14 5.27
N GLN A 109 -6.04 6.00 4.86
CA GLN A 109 -5.67 4.85 4.04
C GLN A 109 -6.00 3.55 4.77
N ALA A 110 -5.57 3.44 6.02
CA ALA A 110 -5.66 2.18 6.75
C ALA A 110 -7.10 1.81 7.07
N SER A 111 -7.96 2.80 7.34
CA SER A 111 -9.33 2.52 7.75
C SER A 111 -10.34 2.68 6.62
N GLY A 112 -10.04 3.54 5.64
CA GLY A 112 -10.99 3.88 4.61
C GLY A 112 -10.71 3.30 3.23
N GLN A 113 -9.44 3.07 2.90
CA GLN A 113 -9.11 2.45 1.63
C GLN A 113 -8.96 0.93 1.77
N GLY A 114 -7.95 0.49 2.52
CA GLY A 114 -7.60 -0.91 2.61
C GLY A 114 -8.78 -1.82 2.89
N PRO A 115 -9.49 -1.57 3.99
CA PRO A 115 -10.59 -2.49 4.34
C PRO A 115 -11.72 -2.53 3.33
N TYR A 116 -12.13 -1.39 2.79
CA TYR A 116 -13.26 -1.37 1.89
C TYR A 116 -12.87 -1.85 0.49
N PHE A 117 -11.69 -1.45 0.01
CA PHE A 117 -11.16 -2.02 -1.22
C PHE A 117 -11.02 -3.53 -1.10
N GLY A 118 -10.60 -3.99 0.09
CA GLY A 118 -10.42 -5.41 0.32
C GLY A 118 -11.73 -6.18 0.32
N GLN A 119 -12.82 -5.57 0.79
CA GLN A 119 -14.12 -6.25 0.74
C GLN A 119 -14.62 -6.35 -0.70
N ALA A 120 -14.38 -5.32 -1.51
CA ALA A 120 -14.66 -5.46 -2.93
C ALA A 120 -13.85 -6.61 -3.52
N GLY A 121 -12.57 -6.69 -3.15
CA GLY A 121 -11.74 -7.78 -3.66
C GLY A 121 -12.23 -9.14 -3.22
N TRP A 122 -12.62 -9.25 -1.95
CA TRP A 122 -13.16 -10.49 -1.43
C TRP A 122 -14.35 -10.96 -2.25
N PHE A 123 -15.39 -10.13 -2.33
CA PHE A 123 -16.63 -10.56 -2.95
C PHE A 123 -16.54 -10.60 -4.48
N LEU A 124 -15.63 -9.85 -5.08
CA LEU A 124 -15.45 -9.91 -6.53
C LEU A 124 -14.49 -11.01 -6.95
N ALA A 125 -13.39 -11.19 -6.23
CA ALA A 125 -12.20 -11.74 -6.86
C ALA A 125 -11.50 -12.85 -6.09
N VAL A 126 -11.40 -12.75 -4.77
CA VAL A 126 -10.47 -13.61 -4.04
C VAL A 126 -11.14 -14.50 -3.01
N ALA A 127 -12.40 -14.28 -2.65
CA ALA A 127 -13.12 -15.27 -1.87
C ALA A 127 -13.09 -16.60 -2.64
N PRO A 128 -13.31 -17.71 -1.96
CA PRO A 128 -13.63 -18.95 -2.68
C PRO A 128 -14.76 -18.69 -3.65
N PRO A 129 -14.69 -19.24 -4.87
CA PRO A 129 -15.65 -18.84 -5.91
C PRO A 129 -17.11 -18.92 -5.48
N GLU A 130 -17.51 -19.96 -4.74
CA GLU A 130 -18.91 -20.08 -4.33
C GLU A 130 -19.33 -18.95 -3.39
N GLU A 131 -18.38 -18.35 -2.68
CA GLU A 131 -18.70 -17.29 -1.73
C GLU A 131 -18.61 -15.90 -2.36
N ARG A 132 -18.19 -15.78 -3.61
CA ARG A 132 -18.20 -14.48 -4.27
C ARG A 132 -19.63 -14.05 -4.56
N ASN A 133 -19.84 -12.74 -4.60
CA ASN A 133 -21.19 -12.19 -4.69
C ASN A 133 -21.13 -10.79 -5.31
N PRO A 134 -21.41 -10.65 -6.61
CA PRO A 134 -21.24 -9.33 -7.25
C PRO A 134 -22.24 -8.28 -6.77
N THR A 135 -23.40 -8.69 -6.27
CA THR A 135 -24.34 -7.73 -5.71
C THR A 135 -23.78 -7.09 -4.45
N ILE A 136 -23.30 -7.92 -3.52
CA ILE A 136 -22.67 -7.38 -2.32
C ILE A 136 -21.42 -6.59 -2.70
N ALA A 137 -20.66 -7.09 -3.66
CA ALA A 137 -19.45 -6.40 -4.09
C ALA A 137 -19.74 -4.97 -4.52
N GLU A 138 -20.93 -4.72 -5.06
CA GLU A 138 -21.21 -3.40 -5.60
C GLU A 138 -21.25 -2.34 -4.50
N ARG A 139 -21.63 -2.73 -3.27
CA ARG A 139 -21.54 -1.80 -2.15
C ARG A 139 -20.13 -1.27 -2.01
N TYR A 140 -19.13 -2.12 -2.19
CA TYR A 140 -17.75 -1.72 -1.98
C TYR A 140 -17.11 -1.14 -3.23
N GLN A 141 -17.60 -1.53 -4.41
CA GLN A 141 -17.20 -0.82 -5.62
C GLN A 141 -17.63 0.65 -5.54
N LYS A 142 -18.84 0.89 -5.03
CA LYS A 142 -19.30 2.27 -4.84
C LYS A 142 -18.44 2.99 -3.82
N GLU A 143 -18.00 2.28 -2.78
CA GLU A 143 -17.13 2.92 -1.80
C GLU A 143 -15.76 3.23 -2.39
N ILE A 144 -15.26 2.39 -3.29
CA ILE A 144 -14.01 2.71 -4.00
C ILE A 144 -14.17 4.04 -4.74
N LEU A 145 -15.26 4.20 -5.49
CA LEU A 145 -15.44 5.44 -6.24
C LEU A 145 -15.59 6.64 -5.30
N ARG A 146 -16.23 6.43 -4.15
CA ARG A 146 -16.34 7.52 -3.18
C ARG A 146 -14.96 7.92 -2.65
N VAL A 147 -14.12 6.93 -2.35
CA VAL A 147 -12.76 7.23 -1.90
C VAL A 147 -12.00 7.97 -2.99
N PHE A 148 -12.12 7.51 -4.24
CA PHE A 148 -11.53 8.24 -5.35
C PHE A 148 -12.02 9.68 -5.39
N GLY A 149 -13.32 9.88 -5.13
CA GLY A 149 -13.87 11.23 -5.13
C GLY A 149 -13.30 12.10 -4.03
N VAL A 150 -13.06 11.53 -2.86
CA VAL A 150 -12.42 12.26 -1.78
C VAL A 150 -11.01 12.67 -2.19
N LEU A 151 -10.23 11.71 -2.69
CA LEU A 151 -8.88 12.01 -3.15
C LEU A 151 -8.92 13.05 -4.27
N GLU A 152 -9.91 12.97 -5.16
CA GLU A 152 -10.01 13.91 -6.27
C GLU A 152 -10.22 15.33 -5.77
N SER A 153 -11.13 15.50 -4.80
CA SER A 153 -11.41 16.84 -4.29
C SER A 153 -10.18 17.49 -3.69
N VAL A 154 -9.29 16.68 -3.11
CA VAL A 154 -8.07 17.20 -2.51
C VAL A 154 -6.98 17.40 -3.57
N LEU A 155 -6.73 16.38 -4.38
CA LEU A 155 -5.60 16.41 -5.31
C LEU A 155 -5.84 17.34 -6.49
N SER A 156 -7.05 17.81 -6.71
CA SER A 156 -7.28 18.86 -7.69
C SER A 156 -6.63 20.18 -7.30
N GLN A 157 -6.25 20.34 -6.02
CA GLN A 157 -5.71 21.59 -5.54
C GLN A 157 -4.42 21.42 -4.72
N ARG A 158 -3.82 20.24 -4.72
CA ARG A 158 -2.51 20.05 -4.13
C ARG A 158 -1.80 18.94 -4.87
N GLN A 159 -0.47 19.06 -4.95
CA GLN A 159 0.32 18.08 -5.69
C GLN A 159 0.40 16.76 -4.94
N TRP A 160 0.66 16.83 -3.64
CA TRP A 160 0.78 15.66 -2.78
C TRP A 160 -0.11 15.87 -1.56
N LEU A 161 -0.36 14.79 -0.83
CA LEU A 161 -1.31 14.87 0.28
C LEU A 161 -0.86 15.85 1.35
N VAL A 162 0.45 15.89 1.65
CA VAL A 162 0.95 16.62 2.81
C VAL A 162 2.19 17.41 2.44
N ALA A 163 2.25 18.67 2.88
CA ALA A 163 3.47 19.49 2.84
C ALA A 163 4.02 19.65 1.42
N ASP A 164 3.16 19.49 0.41
CA ASP A 164 3.55 19.67 -0.99
C ASP A 164 4.80 18.88 -1.35
N LYS A 165 4.92 17.68 -0.77
CA LYS A 165 6.03 16.79 -1.08
C LYS A 165 5.56 15.35 -0.96
N LEU A 166 6.20 14.48 -1.74
CA LEU A 166 5.96 13.05 -1.68
C LEU A 166 6.31 12.51 -0.30
N THR A 167 5.35 11.85 0.36
CA THR A 167 5.59 11.20 1.63
C THR A 167 4.98 9.80 1.62
N ILE A 168 5.18 9.07 2.72
CA ILE A 168 4.57 7.77 2.86
C ILE A 168 3.05 7.85 2.88
N ALA A 169 2.48 9.02 3.17
CA ALA A 169 1.03 9.18 3.02
C ALA A 169 0.60 8.84 1.60
N ASP A 170 1.28 9.42 0.61
CA ASP A 170 0.95 9.12 -0.78
C ASP A 170 1.27 7.67 -1.12
N ILE A 171 2.46 7.20 -0.74
CA ILE A 171 2.88 5.85 -1.09
C ILE A 171 1.87 4.83 -0.57
N SER A 172 1.32 5.08 0.63
CA SER A 172 0.46 4.08 1.28
C SER A 172 -0.77 3.75 0.43
N PHE A 173 -1.23 4.67 -0.42
CA PHE A 173 -2.43 4.46 -1.22
C PHE A 173 -2.18 3.71 -2.53
N VAL A 174 -0.92 3.54 -2.94
CA VAL A 174 -0.62 3.16 -4.32
C VAL A 174 -1.14 1.76 -4.63
N ILE A 175 -0.79 0.77 -3.80
CA ILE A 175 -0.99 -0.62 -4.21
C ILE A 175 -2.49 -0.93 -4.31
N TRP A 176 -3.29 -0.47 -3.35
CA TRP A 176 -4.73 -0.71 -3.44
C TRP A 176 -5.37 0.10 -4.57
N ASN A 177 -4.85 1.30 -4.85
CA ASN A 177 -5.38 2.05 -5.99
C ASN A 177 -5.10 1.34 -7.31
N ALA A 178 -3.90 0.79 -7.46
CA ALA A 178 -3.60 0.02 -8.68
C ALA A 178 -4.52 -1.19 -8.78
N THR A 179 -4.72 -1.91 -7.68
CA THR A 179 -5.63 -3.05 -7.68
C THR A 179 -7.03 -2.62 -8.06
N ALA A 180 -7.49 -1.46 -7.56
CA ALA A 180 -8.85 -1.02 -7.86
C ALA A 180 -9.01 -0.69 -9.33
N VAL A 181 -8.06 0.05 -9.90
CA VAL A 181 -8.19 0.51 -11.28
C VAL A 181 -8.05 -0.66 -12.25
N ASN A 182 -7.21 -1.64 -11.92
CA ASN A 182 -6.97 -2.74 -12.83
C ASN A 182 -7.94 -3.90 -12.65
N LEU A 183 -8.62 -3.93 -11.55
CA LEU A 183 -9.42 -5.08 -11.22
C LEU A 183 -10.83 -4.67 -10.64
N LEU A 184 -10.81 -4.04 -9.51
CA LEU A 184 -12.03 -3.98 -8.69
C LEU A 184 -13.12 -3.12 -9.34
N VAL A 185 -12.77 -1.99 -9.96
CA VAL A 185 -13.77 -1.17 -10.64
C VAL A 185 -13.52 -1.08 -12.14
N LYS A 186 -12.59 -1.87 -12.66
CA LYS A 186 -12.44 -1.95 -14.11
C LYS A 186 -13.74 -2.48 -14.71
N GLY A 187 -14.28 -1.73 -15.66
CA GLY A 187 -15.53 -2.13 -16.28
C GLY A 187 -16.75 -1.95 -15.41
N TYR A 188 -16.63 -1.27 -14.28
CA TYR A 188 -17.78 -1.02 -13.41
C TYR A 188 -18.46 0.26 -13.86
N LYS A 189 -19.64 0.12 -14.48
CA LYS A 189 -20.49 1.25 -14.85
C LYS A 189 -19.70 2.31 -15.62
N GLY A 190 -18.93 1.84 -16.60
CA GLY A 190 -18.21 2.75 -17.48
C GLY A 190 -17.02 3.44 -16.84
N PHE A 191 -16.46 2.87 -15.78
CA PHE A 191 -15.35 3.51 -15.08
C PHE A 191 -14.19 3.77 -16.03
N ASP A 192 -13.71 5.02 -16.03
CA ASP A 192 -12.53 5.41 -16.79
C ASP A 192 -11.66 6.27 -15.86
N PHE A 193 -10.51 5.73 -15.45
CA PHE A 193 -9.73 6.36 -14.39
C PHE A 193 -9.41 7.81 -14.73
N GLU A 194 -8.78 8.05 -15.88
CA GLU A 194 -8.33 9.40 -16.20
C GLU A 194 -9.50 10.35 -16.42
N LYS A 195 -10.57 9.87 -17.06
CA LYS A 195 -11.71 10.76 -17.33
C LYS A 195 -12.48 11.06 -16.05
N ASP A 196 -12.67 10.05 -15.20
CA ASP A 196 -13.55 10.22 -14.05
C ASP A 196 -12.85 10.85 -12.85
N PHE A 197 -11.56 10.59 -12.67
CA PHE A 197 -10.81 11.13 -11.53
C PHE A 197 -9.43 11.60 -12.01
N PRO A 198 -9.41 12.63 -12.86
CA PRO A 198 -8.13 13.04 -13.48
C PRO A 198 -7.05 13.43 -12.50
N SER A 199 -7.41 14.06 -11.38
CA SER A 199 -6.38 14.43 -10.41
C SER A 199 -5.80 13.20 -9.72
N VAL A 200 -6.66 12.24 -9.36
CA VAL A 200 -6.15 11.00 -8.76
C VAL A 200 -5.26 10.28 -9.77
N HIS A 201 -5.69 10.25 -11.03
CA HIS A 201 -4.87 9.63 -12.09
C HIS A 201 -3.50 10.31 -12.19
N ARG A 202 -3.46 11.64 -12.21
CA ARG A 202 -2.19 12.35 -12.25
C ARG A 202 -1.29 11.90 -11.11
N TRP A 203 -1.79 11.99 -9.89
CA TRP A 203 -1.04 11.62 -8.70
C TRP A 203 -0.60 10.16 -8.75
N HIS A 204 -1.53 9.25 -9.05
CA HIS A 204 -1.20 7.83 -9.11
C HIS A 204 -0.16 7.54 -10.17
N THR A 205 -0.32 8.13 -11.36
CA THR A 205 0.62 7.88 -12.43
C THR A 205 2.01 8.39 -12.05
N ALA A 206 2.08 9.56 -11.42
CA ALA A 206 3.35 10.05 -10.90
C ALA A 206 3.99 9.02 -9.97
N LEU A 207 3.19 8.38 -9.13
CA LEU A 207 3.73 7.46 -8.14
C LEU A 207 4.26 6.19 -8.79
N ILE A 208 3.46 5.57 -9.67
CA ILE A 208 3.84 4.26 -10.19
C ILE A 208 4.97 4.37 -11.22
N THR A 209 5.22 5.57 -11.76
CA THR A 209 6.35 5.77 -12.66
C THR A 209 7.64 6.08 -11.93
N ARG A 210 7.61 6.20 -10.61
CA ARG A 210 8.86 6.35 -9.86
C ARG A 210 9.64 5.05 -9.93
N PRO A 211 10.95 5.08 -10.24
CA PRO A 211 11.69 3.82 -10.43
C PRO A 211 11.49 2.80 -9.31
N ALA A 212 11.64 3.20 -8.06
CA ALA A 212 11.54 2.24 -6.96
C ALA A 212 10.13 1.66 -6.86
N ILE A 213 9.11 2.49 -7.05
CA ILE A 213 7.73 1.99 -6.97
C ILE A 213 7.45 1.08 -8.17
N ALA A 214 7.88 1.48 -9.36
CA ALA A 214 7.74 0.61 -10.53
C ALA A 214 8.44 -0.71 -10.32
N GLU A 215 9.64 -0.68 -9.71
N GLU A 215 9.63 -0.68 -9.70
CA GLU A 215 10.36 -1.92 -9.42
CA GLU A 215 10.35 -1.92 -9.43
C GLU A 215 9.55 -2.80 -8.48
C GLU A 215 9.57 -2.80 -8.46
N SER A 216 8.93 -2.20 -7.46
CA SER A 216 8.12 -2.98 -6.53
C SER A 216 6.96 -3.65 -7.25
N LEU A 217 6.26 -2.92 -8.11
CA LEU A 217 5.14 -3.49 -8.83
C LEU A 217 5.61 -4.60 -9.78
N LYS A 218 6.75 -4.38 -10.45
CA LYS A 218 7.33 -5.44 -11.28
C LYS A 218 7.66 -6.68 -10.45
N THR A 219 8.27 -6.47 -9.29
CA THR A 219 8.65 -7.60 -8.44
C THR A 219 7.42 -8.39 -8.01
N LYS A 220 6.33 -7.69 -7.67
CA LYS A 220 5.11 -8.38 -7.27
C LYS A 220 4.56 -9.24 -8.41
N ALA A 221 4.50 -8.70 -9.62
CA ALA A 221 4.04 -9.48 -10.76
C ALA A 221 4.91 -10.72 -10.96
N GLU A 222 6.22 -10.52 -10.98
CA GLU A 222 7.13 -11.66 -11.12
C GLU A 222 6.94 -12.66 -9.99
N ALA A 223 6.72 -12.18 -8.77
CA ALA A 223 6.55 -13.09 -7.64
C ALA A 223 5.28 -13.92 -7.78
N ILE A 224 4.22 -13.33 -8.34
CA ILE A 224 3.01 -14.09 -8.61
C ILE A 224 3.28 -15.15 -9.67
N ALA A 225 4.02 -14.78 -10.71
CA ALA A 225 4.34 -15.71 -11.78
C ALA A 225 5.16 -16.90 -11.31
N GLN A 226 5.88 -16.77 -10.19
CA GLN A 226 6.79 -17.81 -9.74
C GLN A 226 6.21 -18.69 -8.64
N MET A 227 5.03 -18.39 -8.12
CA MET A 227 4.53 -19.05 -6.92
C MET A 227 3.77 -20.34 -7.23
N ASN A 228 4.11 -21.05 -8.30
CA ASN A 228 3.40 -22.26 -8.69
C ASN A 228 1.96 -21.84 -9.02
N ARG A 229 0.99 -22.75 -8.90
CA ARG A 229 -0.25 -22.58 -9.59
C ARG A 229 0.08 -21.99 -10.95
#